data_9BUV
#
_entry.id   9BUV
#
_cell.length_a   64.230
_cell.length_b   68.350
_cell.length_c   121.810
_cell.angle_alpha   90.000
_cell.angle_beta   90.000
_cell.angle_gamma   90.000
#
_symmetry.space_group_name_H-M   'P 21 21 21'
#
loop_
_entity.id
_entity.type
_entity.pdbx_description
1 polymer 'Pesticidal crystal protein Cry1Fa'
2 water water
#
_entity_poly.entity_id   1
_entity_poly.type   'polypeptide(L)'
_entity_poly.pdbx_seq_one_letter_code
;MENNIQNQCVPYNCLNNPEVEILNEERSTGRLPLDISLSLTRFLLSEFVPGVGVAFGLFDLIWGFITPSDWSLFLLQIEQ
LIEQRIETLERNRAITTLRGLADSYEIYIEALREWEANPNNAQLREDVRIRFANTDDALITAINNFTLTSFEIPLLSVYV
QAANLHLSLLRDAVSFGQGWGLDIATVNNHYNRLINLIHRYTKHCLDTYNQGLENLRGTNTRQWAQFNQFRRDLTLTVLD
IVALFPNYDVRTYPIQTSSQLTREIYTSSVIEDSPVSANIPNGFNRAEFGVRPPHLMDFMNSLFVTAETVRSQTVWGGHL
VSSRNTAGNRINFPSYGVFNPGGAIWIADEDPRPFYRTLSDPVFVRGGFGNPHYVLGLRGVAFQQTGTNHTRTFRNSGTI
DSLDEIPPQDNSGAPWNDYSHVLNHVTFVRWPGEISGSDSWRAPMFSWTHRSATPTNTIDPERITQIPLVKAHTLQSGTT
VVRGPGFTGGDILRRTSGGPFAYTIVNINGQLPQRYRARIRYASTTNLRIYVTVAGERIFAGQFNKTMDTGDPLTFQSFS
YATINTAFTFPMSQSSFTVGADTFSSGNEVYIDRFELIPVTATFEAEYDLERAQKAVNALFTSINQIGIKTDVTDYHIDQ
VSNLVDCLSDEFCLDEKRELSEKVKHAKRLSDERNLLQDPNFKGINRQLDRGWRGSTDITIQRGDDVFKENYVTLPGTFD
ECYPTYLYQKIDESKLKPYTRYQLRGYIEDSQDLEIYLIRYNAKHETVNVLGTGSLWPLSVQSPIRKCGEPNRCAPHLEW
NPDLDCSCRDGEKCAHHSHHFSLDIDVGCTDLNEDLDVWVIFKIKTQDGHARLGNLEFLEEKPLVGEALARVKRAEKKWR
DKREKLELETNIVYKEAKESVDALFVNSQYDQLQADTNIAMIHAADKRVHRIREAYLPELSVIPGVNVDIFEELKGRIFT
AFFLYDARNVIKNGDFNNGLSCWNVKGHVDVEEQNNHRSVLVVPEWEAEVSQEVRVCPGRGYILRVTAYKEGYGEGCVTI
HEIENNTDELKFSNCVEEEVYPNNTVTCNDYTANQEEYGGAYTSRNRGYDETYGSNSSVPADYASVYEEKSYTDGRRDNP
CESNRGYGDYTPLPAGYVTKELEYFPETDKVWIEIGETEGTFIVDSVELLLMEE
;
_entity_poly.pdbx_strand_id   A
#
# COMPACT_ATOMS: atom_id res chain seq x y z
N THR A 29 10.58 -5.25 -20.28
CA THR A 29 11.64 -4.76 -19.37
C THR A 29 11.43 -5.40 -17.98
N GLY A 30 12.50 -5.46 -17.17
CA GLY A 30 12.44 -6.02 -15.82
C GLY A 30 11.53 -5.25 -14.87
N ARG A 31 11.10 -4.04 -15.26
CA ARG A 31 10.16 -3.24 -14.48
C ARG A 31 8.71 -3.76 -14.59
N LEU A 32 8.41 -4.60 -15.59
CA LEU A 32 7.07 -5.08 -15.93
C LEU A 32 6.27 -5.49 -14.70
N PRO A 33 6.78 -6.30 -13.75
CA PRO A 33 5.97 -6.69 -12.59
C PRO A 33 5.47 -5.48 -11.78
N LEU A 34 6.28 -4.40 -11.70
CA LEU A 34 5.85 -3.19 -10.99
C LEU A 34 4.73 -2.50 -11.77
N ASP A 35 4.91 -2.34 -13.10
CA ASP A 35 3.90 -1.75 -13.97
C ASP A 35 2.57 -2.49 -13.87
N ILE A 36 2.63 -3.81 -14.00
CA ILE A 36 1.42 -4.63 -13.99
C ILE A 36 0.75 -4.56 -12.62
N SER A 37 1.56 -4.67 -11.54
CA SER A 37 1.00 -4.71 -10.20
C SER A 37 0.30 -3.39 -9.88
N LEU A 38 0.88 -2.26 -10.31
CA LEU A 38 0.28 -0.96 -10.03
C LEU A 38 -0.99 -0.72 -10.88
N SER A 39 -1.04 -1.28 -12.11
CA SER A 39 -2.24 -1.17 -12.91
C SER A 39 -3.34 -2.01 -12.24
N LEU A 40 -2.98 -3.17 -11.67
CA LEU A 40 -3.96 -3.99 -10.97
C LEU A 40 -4.48 -3.29 -9.71
N THR A 41 -3.57 -2.75 -8.91
CA THR A 41 -3.91 -1.92 -7.75
C THR A 41 -4.88 -0.80 -8.14
N ARG A 42 -4.56 -0.05 -9.20
CA ARG A 42 -5.44 1.01 -9.69
C ARG A 42 -6.85 0.44 -9.92
N PHE A 43 -6.93 -0.65 -10.66
CA PHE A 43 -8.21 -1.29 -10.95
C PHE A 43 -8.93 -1.69 -9.65
N LEU A 44 -8.25 -2.37 -8.74
CA LEU A 44 -8.93 -2.90 -7.56
C LEU A 44 -9.38 -1.81 -6.59
N LEU A 45 -8.69 -0.65 -6.61
CA LEU A 45 -9.12 0.52 -5.87
C LEU A 45 -10.37 1.16 -6.53
N SER A 46 -10.39 1.29 -7.86
CA SER A 46 -11.36 2.12 -8.58
C SER A 46 -12.50 1.34 -9.24
N GLU A 47 -12.50 -0.01 -9.26
CA GLU A 47 -13.52 -0.71 -10.03
C GLU A 47 -14.08 -1.93 -9.32
N PHE A 48 -14.08 -1.92 -8.00
CA PHE A 48 -14.56 -3.06 -7.26
C PHE A 48 -16.10 -2.97 -7.15
N VAL A 49 -16.78 -3.48 -8.19
CA VAL A 49 -18.21 -3.33 -8.39
C VAL A 49 -18.88 -4.71 -8.42
N PRO A 50 -20.16 -4.87 -8.07
CA PRO A 50 -20.84 -6.16 -8.26
C PRO A 50 -20.96 -6.58 -9.73
N GLY A 51 -21.14 -7.87 -9.96
CA GLY A 51 -21.26 -8.38 -11.32
C GLY A 51 -19.96 -8.99 -11.82
N VAL A 52 -19.82 -9.04 -13.15
CA VAL A 52 -18.71 -9.75 -13.79
C VAL A 52 -17.48 -8.85 -13.97
N GLY A 53 -17.57 -7.62 -13.55
CA GLY A 53 -16.58 -6.60 -13.89
C GLY A 53 -15.19 -6.93 -13.38
N VAL A 54 -15.10 -7.41 -12.12
CA VAL A 54 -13.81 -7.74 -11.56
C VAL A 54 -13.20 -8.93 -12.30
N ALA A 55 -13.99 -9.99 -12.52
CA ALA A 55 -13.51 -11.14 -13.27
C ALA A 55 -12.94 -10.73 -14.64
N PHE A 56 -13.69 -9.90 -15.37
CA PHE A 56 -13.29 -9.45 -16.70
C PHE A 56 -12.04 -8.60 -16.59
N GLY A 57 -11.98 -7.75 -15.54
CA GLY A 57 -10.82 -6.90 -15.31
C GLY A 57 -9.51 -7.68 -15.13
N LEU A 58 -9.60 -8.77 -14.36
CA LEU A 58 -8.42 -9.54 -14.05
C LEU A 58 -7.94 -10.24 -15.32
N PHE A 59 -8.88 -10.64 -16.18
CA PHE A 59 -8.52 -11.24 -17.46
C PHE A 59 -7.84 -10.15 -18.31
N ASP A 60 -8.42 -8.96 -18.41
CA ASP A 60 -7.90 -7.93 -19.30
C ASP A 60 -6.55 -7.40 -18.81
N LEU A 61 -6.33 -7.34 -17.50
CA LEU A 61 -5.13 -6.70 -16.98
C LEU A 61 -3.99 -7.68 -16.75
N ILE A 62 -4.30 -8.95 -16.49
CA ILE A 62 -3.28 -9.89 -16.04
C ILE A 62 -3.31 -11.15 -16.93
N TRP A 63 -4.33 -11.99 -16.68
CA TRP A 63 -4.30 -13.38 -17.09
C TRP A 63 -4.44 -13.51 -18.61
N GLY A 64 -5.16 -12.60 -19.26
CA GLY A 64 -5.21 -12.62 -20.72
C GLY A 64 -4.12 -11.75 -21.38
N PHE A 65 -3.22 -11.15 -20.59
CA PHE A 65 -2.31 -10.13 -21.09
C PHE A 65 -0.85 -10.58 -20.97
N ILE A 66 -0.46 -11.12 -19.80
CA ILE A 66 0.90 -11.53 -19.48
C ILE A 66 1.28 -12.82 -20.23
N THR A 67 2.42 -12.81 -20.93
CA THR A 67 2.95 -14.02 -21.56
C THR A 67 3.84 -14.81 -20.60
N PRO A 68 4.19 -16.07 -20.93
CA PRO A 68 5.14 -16.85 -20.12
C PRO A 68 6.44 -16.12 -19.83
N SER A 69 7.00 -15.44 -20.85
CA SER A 69 8.22 -14.68 -20.67
C SER A 69 7.97 -13.56 -19.68
N ASP A 70 6.81 -12.93 -19.77
CA ASP A 70 6.45 -11.92 -18.80
C ASP A 70 6.40 -12.52 -17.38
N TRP A 71 5.81 -13.71 -17.17
CA TRP A 71 5.70 -14.30 -15.84
C TRP A 71 7.10 -14.54 -15.27
N SER A 72 8.01 -14.93 -16.15
CA SER A 72 9.40 -15.11 -15.76
C SER A 72 10.00 -13.83 -15.13
N LEU A 73 9.53 -12.64 -15.54
CA LEU A 73 10.07 -11.39 -14.99
C LEU A 73 9.61 -11.14 -13.55
N PHE A 74 8.45 -11.72 -13.20
CA PHE A 74 7.97 -11.67 -11.83
C PHE A 74 8.90 -12.42 -10.91
N LEU A 75 9.28 -13.63 -11.32
CA LEU A 75 10.23 -14.44 -10.57
C LEU A 75 11.57 -13.71 -10.49
N LEU A 76 12.03 -13.22 -11.65
CA LEU A 76 13.34 -12.58 -11.79
C LEU A 76 13.53 -11.44 -10.80
N GLN A 77 12.51 -10.61 -10.63
CA GLN A 77 12.64 -9.45 -9.78
C GLN A 77 13.02 -9.85 -8.35
N ILE A 78 12.34 -10.86 -7.80
CA ILE A 78 12.63 -11.29 -6.43
C ILE A 78 13.90 -12.16 -6.38
N GLU A 79 14.14 -12.99 -7.41
CA GLU A 79 15.36 -13.77 -7.46
C GLU A 79 16.60 -12.84 -7.38
N GLN A 80 16.52 -11.69 -8.04
CA GLN A 80 17.60 -10.71 -8.05
C GLN A 80 17.72 -10.03 -6.70
N LEU A 81 16.59 -9.69 -6.06
CA LEU A 81 16.70 -9.03 -4.76
C LEU A 81 17.40 -9.93 -3.75
N ILE A 82 17.09 -11.22 -3.73
CA ILE A 82 17.58 -12.11 -2.68
C ILE A 82 18.83 -12.87 -3.14
N GLU A 83 19.30 -12.60 -4.37
CA GLU A 83 20.44 -13.21 -5.03
C GLU A 83 20.32 -14.73 -4.96
N GLN A 84 19.15 -15.28 -5.31
CA GLN A 84 18.90 -16.71 -5.32
C GLN A 84 17.93 -17.03 -6.45
N ARG A 85 18.40 -17.81 -7.44
CA ARG A 85 17.52 -18.24 -8.53
C ARG A 85 16.72 -19.45 -8.07
N ILE A 86 15.47 -19.58 -8.53
CA ILE A 86 14.71 -20.79 -8.33
C ILE A 86 15.37 -21.90 -9.17
N GLU A 87 15.53 -23.09 -8.55
CA GLU A 87 16.09 -24.27 -9.21
C GLU A 87 15.33 -24.52 -10.52
N THR A 88 16.09 -24.74 -11.61
CA THR A 88 15.57 -24.69 -12.98
C THR A 88 14.27 -25.48 -13.21
N LEU A 89 14.24 -26.75 -12.80
CA LEU A 89 13.10 -27.63 -13.11
C LEU A 89 11.82 -27.09 -12.44
N GLU A 90 11.91 -26.75 -11.16
CA GLU A 90 10.80 -26.16 -10.43
C GLU A 90 10.39 -24.78 -10.98
N ARG A 91 11.36 -23.99 -11.43
CA ARG A 91 11.10 -22.72 -12.07
C ARG A 91 10.28 -22.91 -13.36
N ASN A 92 10.72 -23.83 -14.23
CA ASN A 92 10.00 -24.17 -15.44
C ASN A 92 8.57 -24.67 -15.14
N ARG A 93 8.40 -25.50 -14.11
CA ARG A 93 7.07 -25.91 -13.68
C ARG A 93 6.21 -24.73 -13.21
N ALA A 94 6.81 -23.74 -12.53
CA ALA A 94 6.03 -22.60 -12.06
C ALA A 94 5.43 -21.85 -13.25
N ILE A 95 6.27 -21.65 -14.29
CA ILE A 95 5.87 -20.96 -15.50
C ILE A 95 4.81 -21.78 -16.22
N THR A 96 4.98 -23.10 -16.24
CA THR A 96 4.00 -23.98 -16.87
C THR A 96 2.67 -23.82 -16.15
N THR A 97 2.70 -23.78 -14.82
CA THR A 97 1.52 -23.67 -13.99
C THR A 97 0.77 -22.36 -14.28
N LEU A 98 1.51 -21.25 -14.38
CA LEU A 98 0.93 -19.95 -14.66
C LEU A 98 0.28 -19.92 -16.04
N ARG A 99 0.94 -20.52 -17.05
CA ARG A 99 0.36 -20.63 -18.37
C ARG A 99 -0.94 -21.43 -18.32
N GLY A 100 -0.92 -22.56 -17.59
CA GLY A 100 -2.09 -23.38 -17.34
C GLY A 100 -3.24 -22.58 -16.72
N LEU A 101 -2.92 -21.72 -15.75
CA LEU A 101 -3.93 -20.93 -15.05
C LEU A 101 -4.61 -19.97 -16.02
N ALA A 102 -3.80 -19.31 -16.86
CA ALA A 102 -4.30 -18.36 -17.86
C ALA A 102 -5.22 -19.07 -18.85
N ASP A 103 -4.84 -20.28 -19.30
CA ASP A 103 -5.69 -21.04 -20.20
C ASP A 103 -7.00 -21.39 -19.52
N SER A 104 -6.94 -21.87 -18.29
CA SER A 104 -8.12 -22.29 -17.56
C SER A 104 -9.05 -21.09 -17.34
N TYR A 105 -8.48 -19.94 -16.94
CA TYR A 105 -9.27 -18.78 -16.61
C TYR A 105 -9.91 -18.20 -17.87
N GLU A 106 -9.19 -18.29 -19.00
CA GLU A 106 -9.76 -17.82 -20.26
C GLU A 106 -11.04 -18.58 -20.59
N ILE A 107 -11.04 -19.90 -20.40
CA ILE A 107 -12.19 -20.74 -20.69
C ILE A 107 -13.35 -20.38 -19.76
N TYR A 108 -13.06 -20.24 -18.48
CA TYR A 108 -14.05 -19.79 -17.51
C TYR A 108 -14.70 -18.46 -17.89
N ILE A 109 -13.89 -17.48 -18.32
CA ILE A 109 -14.37 -16.17 -18.65
C ILE A 109 -15.35 -16.27 -19.80
N GLU A 110 -15.01 -17.06 -20.82
CA GLU A 110 -15.90 -17.27 -21.94
C GLU A 110 -17.22 -17.89 -21.50
N ALA A 111 -17.20 -18.95 -20.68
CA ALA A 111 -18.42 -19.53 -20.15
C ALA A 111 -19.23 -18.55 -19.30
N LEU A 112 -18.52 -17.71 -18.52
CA LEU A 112 -19.18 -16.75 -17.63
C LEU A 112 -19.93 -15.70 -18.47
N ARG A 113 -19.27 -15.23 -19.52
CA ARG A 113 -19.83 -14.23 -20.40
C ARG A 113 -21.03 -14.79 -21.13
N GLU A 114 -20.90 -15.99 -21.69
CA GLU A 114 -22.03 -16.62 -22.36
C GLU A 114 -23.20 -16.82 -21.42
N TRP A 115 -22.92 -17.30 -20.21
CA TRP A 115 -23.98 -17.60 -19.24
C TRP A 115 -24.72 -16.31 -18.87
N GLU A 116 -23.95 -15.24 -18.61
CA GLU A 116 -24.57 -14.02 -18.15
C GLU A 116 -25.52 -13.42 -19.19
N ALA A 117 -25.23 -13.61 -20.47
CA ALA A 117 -26.09 -13.15 -21.55
C ALA A 117 -27.35 -14.01 -21.64
N ASN A 118 -27.34 -15.26 -21.14
CA ASN A 118 -28.50 -16.13 -21.29
C ASN A 118 -28.59 -17.09 -20.11
N PRO A 119 -28.88 -16.58 -18.89
CA PRO A 119 -28.73 -17.35 -17.66
C PRO A 119 -29.72 -18.50 -17.49
N ASN A 120 -30.78 -18.53 -18.27
CA ASN A 120 -31.76 -19.59 -18.07
C ASN A 120 -31.43 -20.78 -18.96
N ASN A 121 -30.39 -20.67 -19.79
CA ASN A 121 -30.01 -21.79 -20.64
C ASN A 121 -29.33 -22.83 -19.76
N ALA A 122 -29.89 -24.04 -19.71
CA ALA A 122 -29.38 -25.09 -18.85
C ALA A 122 -27.97 -25.52 -19.27
N GLN A 123 -27.68 -25.56 -20.59
CA GLN A 123 -26.36 -25.94 -21.05
C GLN A 123 -25.31 -24.91 -20.58
N LEU A 124 -25.63 -23.61 -20.71
CA LEU A 124 -24.68 -22.57 -20.34
C LEU A 124 -24.42 -22.54 -18.83
N ARG A 125 -25.43 -22.91 -18.04
CA ARG A 125 -25.29 -23.02 -16.59
C ARG A 125 -24.33 -24.15 -16.27
N GLU A 126 -24.53 -25.32 -16.91
CA GLU A 126 -23.65 -26.46 -16.69
C GLU A 126 -22.22 -26.12 -17.12
N ASP A 127 -22.03 -25.45 -18.25
CA ASP A 127 -20.67 -25.11 -18.69
C ASP A 127 -19.92 -24.22 -17.70
N VAL A 128 -20.57 -23.17 -17.18
CA VAL A 128 -19.90 -22.30 -16.22
C VAL A 128 -19.65 -22.99 -14.89
N ARG A 129 -20.56 -23.87 -14.41
CA ARG A 129 -20.29 -24.62 -13.19
C ARG A 129 -19.03 -25.47 -13.32
N ILE A 130 -18.87 -26.15 -14.45
CA ILE A 130 -17.75 -27.04 -14.67
C ILE A 130 -16.48 -26.21 -14.83
N ARG A 131 -16.52 -25.14 -15.63
CA ARG A 131 -15.33 -24.32 -15.82
C ARG A 131 -14.88 -23.68 -14.49
N PHE A 132 -15.83 -23.20 -13.69
CA PHE A 132 -15.57 -22.71 -12.34
C PHE A 132 -14.79 -23.76 -11.57
N ALA A 133 -15.29 -25.00 -11.52
CA ALA A 133 -14.68 -26.04 -10.71
C ALA A 133 -13.25 -26.37 -11.19
N ASN A 134 -13.09 -26.46 -12.49
CA ASN A 134 -11.77 -26.70 -13.11
C ASN A 134 -10.77 -25.61 -12.70
N THR A 135 -11.16 -24.34 -12.76
CA THR A 135 -10.26 -23.24 -12.44
C THR A 135 -9.99 -23.17 -10.94
N ASP A 136 -11.02 -23.44 -10.10
CA ASP A 136 -10.87 -23.58 -8.67
C ASP A 136 -9.78 -24.61 -8.32
N ASP A 137 -9.94 -25.83 -8.85
CA ASP A 137 -8.99 -26.92 -8.68
C ASP A 137 -7.59 -26.55 -9.19
N ALA A 138 -7.46 -25.90 -10.34
CA ALA A 138 -6.16 -25.49 -10.84
C ALA A 138 -5.46 -24.49 -9.90
N LEU A 139 -6.23 -23.55 -9.32
CA LEU A 139 -5.66 -22.54 -8.45
C LEU A 139 -5.25 -23.20 -7.14
N ILE A 140 -6.08 -24.11 -6.61
CA ILE A 140 -5.72 -24.83 -5.38
C ILE A 140 -4.34 -25.49 -5.56
N THR A 141 -4.15 -26.14 -6.70
CA THR A 141 -2.91 -26.83 -7.02
C THR A 141 -1.76 -25.82 -7.14
N ALA A 142 -1.99 -24.72 -7.86
CA ALA A 142 -0.95 -23.72 -8.06
C ALA A 142 -0.49 -23.16 -6.73
N ILE A 143 -1.47 -22.81 -5.87
CA ILE A 143 -1.15 -22.19 -4.60
C ILE A 143 -0.37 -23.19 -3.73
N ASN A 144 -0.77 -24.46 -3.71
CA ASN A 144 -0.03 -25.51 -3.02
C ASN A 144 1.43 -25.61 -3.51
N ASN A 145 1.60 -25.64 -4.83
CA ASN A 145 2.92 -25.71 -5.44
C ASN A 145 3.80 -24.52 -5.06
N PHE A 146 3.22 -23.34 -4.81
CA PHE A 146 3.95 -22.14 -4.43
C PHE A 146 4.06 -22.00 -2.93
N THR A 147 3.53 -22.98 -2.16
CA THR A 147 3.67 -23.00 -0.72
C THR A 147 4.64 -24.11 -0.26
N LEU A 148 4.47 -25.34 -0.76
CA LEU A 148 5.29 -26.47 -0.34
C LEU A 148 6.56 -26.52 -1.21
N THR A 149 7.49 -25.62 -0.91
CA THR A 149 8.65 -25.40 -1.78
C THR A 149 9.67 -24.71 -0.91
N SER A 150 10.96 -24.88 -1.22
CA SER A 150 11.96 -24.09 -0.53
C SER A 150 12.14 -22.74 -1.22
N PHE A 151 11.27 -22.39 -2.18
CA PHE A 151 11.38 -21.12 -2.88
C PHE A 151 10.15 -20.21 -2.65
N GLU A 152 9.62 -20.22 -1.43
CA GLU A 152 8.44 -19.41 -1.13
C GLU A 152 8.69 -17.92 -1.37
N ILE A 153 9.90 -17.46 -1.06
CA ILE A 153 10.16 -16.05 -1.21
C ILE A 153 10.17 -15.65 -2.69
N PRO A 154 10.98 -16.23 -3.59
CA PRO A 154 10.95 -15.74 -4.98
C PRO A 154 9.65 -16.02 -5.73
N LEU A 155 8.81 -16.94 -5.22
CA LEU A 155 7.52 -17.24 -5.82
C LEU A 155 6.41 -16.34 -5.27
N LEU A 156 6.75 -15.40 -4.39
CA LEU A 156 5.69 -14.73 -3.65
C LEU A 156 4.83 -13.82 -4.54
N SER A 157 5.41 -13.19 -5.60
CA SER A 157 4.55 -12.31 -6.39
C SER A 157 3.66 -13.13 -7.33
N VAL A 158 4.10 -14.31 -7.76
CA VAL A 158 3.16 -15.14 -8.52
C VAL A 158 2.16 -15.83 -7.60
N TYR A 159 2.54 -16.13 -6.36
CA TYR A 159 1.56 -16.56 -5.35
C TYR A 159 0.43 -15.53 -5.19
N VAL A 160 0.79 -14.25 -5.03
CA VAL A 160 -0.20 -13.23 -4.73
C VAL A 160 -1.16 -13.08 -5.93
N GLN A 161 -0.65 -13.25 -7.15
CA GLN A 161 -1.50 -13.23 -8.32
C GLN A 161 -2.47 -14.42 -8.39
N ALA A 162 -1.96 -15.64 -8.12
CA ALA A 162 -2.82 -16.82 -8.08
C ALA A 162 -3.87 -16.69 -6.96
N ALA A 163 -3.45 -16.19 -5.81
CA ALA A 163 -4.33 -16.02 -4.66
C ALA A 163 -5.44 -15.03 -4.99
N ASN A 164 -5.04 -13.88 -5.58
CA ASN A 164 -5.96 -12.83 -5.96
C ASN A 164 -7.02 -13.37 -6.93
N LEU A 165 -6.57 -14.08 -7.95
CA LEU A 165 -7.51 -14.68 -8.89
C LEU A 165 -8.44 -15.66 -8.18
N HIS A 166 -7.94 -16.43 -7.21
CA HIS A 166 -8.76 -17.42 -6.55
C HIS A 166 -9.86 -16.77 -5.70
N LEU A 167 -9.50 -15.68 -5.01
CA LEU A 167 -10.48 -14.93 -4.25
C LEU A 167 -11.55 -14.35 -5.18
N SER A 168 -11.15 -13.82 -6.35
CA SER A 168 -12.10 -13.33 -7.33
C SER A 168 -13.04 -14.44 -7.81
N LEU A 169 -12.50 -15.61 -8.08
CA LEU A 169 -13.28 -16.72 -8.60
C LEU A 169 -14.32 -17.18 -7.56
N LEU A 170 -13.93 -17.24 -6.29
CA LEU A 170 -14.86 -17.64 -5.24
C LEU A 170 -15.91 -16.54 -5.00
N ARG A 171 -15.51 -15.26 -5.11
CA ARG A 171 -16.48 -14.17 -5.05
C ARG A 171 -17.53 -14.35 -6.14
N ASP A 172 -17.11 -14.72 -7.35
CA ASP A 172 -18.07 -14.99 -8.41
C ASP A 172 -19.01 -16.15 -8.03
N ALA A 173 -18.48 -17.23 -7.45
CA ALA A 173 -19.33 -18.36 -7.05
C ALA A 173 -20.34 -17.90 -6.01
N VAL A 174 -19.95 -17.00 -5.12
CA VAL A 174 -20.86 -16.49 -4.10
C VAL A 174 -21.90 -15.57 -4.76
N SER A 175 -21.46 -14.68 -5.66
CA SER A 175 -22.35 -13.72 -6.31
C SER A 175 -23.30 -14.41 -7.28
N PHE A 176 -22.82 -15.40 -8.01
CA PHE A 176 -23.60 -15.94 -9.12
C PHE A 176 -24.02 -17.40 -8.96
N GLY A 177 -23.54 -18.07 -7.90
CA GLY A 177 -23.70 -19.50 -7.73
C GLY A 177 -25.15 -19.97 -7.87
N GLN A 178 -26.05 -19.26 -7.18
CA GLN A 178 -27.47 -19.56 -7.25
C GLN A 178 -27.94 -19.52 -8.72
N GLY A 179 -27.52 -18.47 -9.44
CA GLY A 179 -27.84 -18.36 -10.86
C GLY A 179 -27.25 -19.49 -11.72
N TRP A 180 -26.08 -20.00 -11.32
CA TRP A 180 -25.41 -21.05 -12.06
C TRP A 180 -26.08 -22.40 -11.81
N GLY A 181 -26.84 -22.48 -10.71
CA GLY A 181 -27.55 -23.69 -10.34
C GLY A 181 -26.94 -24.41 -9.14
N LEU A 182 -25.98 -23.76 -8.47
CA LEU A 182 -25.43 -24.33 -7.24
C LEU A 182 -26.49 -24.20 -6.16
N ASP A 183 -26.54 -25.19 -5.26
CA ASP A 183 -27.50 -25.18 -4.18
C ASP A 183 -27.03 -24.28 -3.03
N ILE A 184 -27.91 -24.09 -2.03
CA ILE A 184 -27.71 -23.07 -1.00
C ILE A 184 -26.47 -23.42 -0.18
N ALA A 185 -26.32 -24.69 0.15
CA ALA A 185 -25.23 -25.13 1.02
C ALA A 185 -23.92 -24.98 0.26
N THR A 186 -23.96 -25.20 -1.06
CA THR A 186 -22.76 -25.11 -1.84
C THR A 186 -22.26 -23.67 -1.89
N VAL A 187 -23.20 -22.74 -2.09
CA VAL A 187 -22.86 -21.34 -2.22
C VAL A 187 -22.34 -20.85 -0.87
N ASN A 188 -22.98 -21.28 0.22
CA ASN A 188 -22.56 -20.91 1.55
C ASN A 188 -21.17 -21.46 1.85
N ASN A 189 -20.88 -22.67 1.40
CA ASN A 189 -19.58 -23.27 1.65
C ASN A 189 -18.48 -22.48 0.90
N HIS A 190 -18.76 -22.07 -0.34
CA HIS A 190 -17.81 -21.25 -1.09
C HIS A 190 -17.55 -19.91 -0.40
N TYR A 191 -18.59 -19.27 0.15
CA TYR A 191 -18.43 -18.07 0.96
C TYR A 191 -17.52 -18.38 2.16
N ASN A 192 -17.75 -19.49 2.86
CA ASN A 192 -16.96 -19.78 4.06
C ASN A 192 -15.50 -19.99 3.64
N ARG A 193 -15.28 -20.69 2.55
CA ARG A 193 -13.96 -20.88 1.98
C ARG A 193 -13.33 -19.52 1.66
N LEU A 194 -14.08 -18.65 1.01
CA LEU A 194 -13.56 -17.35 0.59
C LEU A 194 -13.00 -16.60 1.79
N ILE A 195 -13.78 -16.54 2.88
CA ILE A 195 -13.36 -15.82 4.08
C ILE A 195 -12.12 -16.47 4.71
N ASN A 196 -12.11 -17.80 4.83
CA ASN A 196 -10.97 -18.54 5.33
C ASN A 196 -9.73 -18.26 4.48
N LEU A 197 -9.89 -18.28 3.14
CA LEU A 197 -8.72 -18.12 2.28
C LEU A 197 -8.19 -16.69 2.28
N ILE A 198 -9.04 -15.68 2.51
CA ILE A 198 -8.49 -14.33 2.66
C ILE A 198 -7.45 -14.36 3.79
N HIS A 199 -7.85 -14.98 4.92
CA HIS A 199 -6.91 -15.20 6.02
C HIS A 199 -5.67 -16.02 5.62
N ARG A 200 -5.83 -17.21 5.08
CA ARG A 200 -4.71 -18.09 4.79
C ARG A 200 -3.75 -17.41 3.82
N TYR A 201 -4.29 -16.77 2.79
CA TYR A 201 -3.43 -16.18 1.76
C TYR A 201 -2.73 -14.94 2.30
N THR A 202 -3.44 -14.10 3.09
CA THR A 202 -2.81 -12.98 3.77
C THR A 202 -1.64 -13.48 4.62
N LYS A 203 -1.90 -14.50 5.45
CA LYS A 203 -0.93 -15.01 6.40
C LYS A 203 0.30 -15.60 5.69
N HIS A 204 0.08 -16.28 4.57
CA HIS A 204 1.20 -16.77 3.80
C HIS A 204 2.06 -15.59 3.34
N CYS A 205 1.40 -14.59 2.77
CA CYS A 205 2.14 -13.49 2.16
C CYS A 205 2.92 -12.72 3.22
N LEU A 206 2.31 -12.41 4.38
CA LEU A 206 3.03 -11.63 5.39
C LEU A 206 4.16 -12.42 6.06
N ASP A 207 3.92 -13.70 6.41
CA ASP A 207 4.95 -14.58 6.96
C ASP A 207 6.15 -14.66 6.01
N THR A 208 5.86 -14.80 4.71
CA THR A 208 6.91 -14.95 3.72
C THR A 208 7.65 -13.62 3.54
N TYR A 209 6.90 -12.51 3.48
CA TYR A 209 7.49 -11.21 3.33
C TYR A 209 8.35 -10.85 4.55
N ASN A 210 7.83 -11.13 5.73
CA ASN A 210 8.54 -10.82 6.96
C ASN A 210 9.86 -11.58 7.03
N GLN A 211 9.85 -12.85 6.66
CA GLN A 211 11.07 -13.65 6.66
C GLN A 211 12.08 -13.07 5.67
N GLY A 212 11.60 -12.80 4.45
CA GLY A 212 12.45 -12.31 3.39
C GLY A 212 13.13 -11.02 3.80
N LEU A 213 12.38 -10.12 4.44
CA LEU A 213 12.90 -8.85 4.89
C LEU A 213 13.93 -9.06 6.00
N GLU A 214 13.64 -9.91 6.99
CA GLU A 214 14.64 -10.16 8.01
C GLU A 214 15.94 -10.71 7.40
N ASN A 215 15.84 -11.63 6.44
CA ASN A 215 16.99 -12.21 5.76
C ASN A 215 17.90 -11.11 5.21
N LEU A 216 17.37 -9.93 4.86
CA LEU A 216 18.16 -8.88 4.26
C LEU A 216 18.60 -7.82 5.27
N ARG A 217 18.14 -7.94 6.51
CA ARG A 217 18.51 -7.04 7.58
C ARG A 217 20.03 -7.13 7.72
N GLY A 218 20.69 -5.98 7.88
CA GLY A 218 22.15 -5.97 7.88
C GLY A 218 22.69 -4.85 8.76
N THR A 219 23.93 -4.47 8.48
CA THR A 219 24.74 -3.52 9.23
C THR A 219 25.07 -2.29 8.41
N ASN A 220 25.28 -2.48 7.10
CA ASN A 220 25.89 -1.55 6.15
C ASN A 220 24.80 -0.79 5.40
N THR A 221 25.17 0.28 4.68
CA THR A 221 24.22 1.01 3.84
C THR A 221 23.91 0.21 2.57
N ARG A 222 24.89 -0.58 2.10
CA ARG A 222 24.65 -1.39 0.92
C ARG A 222 23.61 -2.44 1.25
N GLN A 223 23.70 -3.03 2.44
CA GLN A 223 22.72 -4.01 2.86
C GLN A 223 21.37 -3.30 2.99
N TRP A 224 21.36 -2.06 3.50
CA TRP A 224 20.10 -1.34 3.66
C TRP A 224 19.47 -1.12 2.28
N ALA A 225 20.30 -0.78 1.30
CA ALA A 225 19.80 -0.55 -0.05
C ALA A 225 18.99 -1.77 -0.53
N GLN A 226 19.58 -2.96 -0.41
CA GLN A 226 18.94 -4.19 -0.86
C GLN A 226 17.68 -4.47 -0.03
N PHE A 227 17.77 -4.25 1.28
CA PHE A 227 16.65 -4.41 2.20
C PHE A 227 15.47 -3.53 1.76
N ASN A 228 15.79 -2.26 1.45
CA ASN A 228 14.75 -1.28 1.13
C ASN A 228 14.16 -1.54 -0.25
N GLN A 229 14.98 -1.99 -1.20
CA GLN A 229 14.49 -2.37 -2.52
C GLN A 229 13.53 -3.53 -2.44
N PHE A 230 13.80 -4.45 -1.52
CA PHE A 230 12.92 -5.57 -1.29
C PHE A 230 11.62 -5.08 -0.68
N ARG A 231 11.74 -4.23 0.33
CA ARG A 231 10.57 -3.69 0.98
C ARG A 231 9.68 -2.99 -0.07
N ARG A 232 10.27 -2.17 -0.94
CA ARG A 232 9.56 -1.33 -1.88
C ARG A 232 8.91 -2.20 -2.95
N ASP A 233 9.69 -3.06 -3.57
CA ASP A 233 9.19 -3.91 -4.63
C ASP A 233 8.12 -4.87 -4.11
N LEU A 234 8.29 -5.44 -2.92
CA LEU A 234 7.25 -6.33 -2.41
C LEU A 234 6.06 -5.58 -1.84
N THR A 235 6.22 -4.29 -1.48
CA THR A 235 5.05 -3.50 -1.16
C THR A 235 4.17 -3.34 -2.41
N LEU A 236 4.80 -2.94 -3.54
CA LEU A 236 4.13 -2.71 -4.80
C LEU A 236 3.55 -3.97 -5.42
N THR A 237 4.25 -5.12 -5.33
CA THR A 237 3.83 -6.31 -6.08
C THR A 237 3.03 -7.29 -5.22
N VAL A 238 3.09 -7.15 -3.88
CA VAL A 238 2.45 -8.14 -3.00
C VAL A 238 1.57 -7.44 -1.94
N LEU A 239 2.15 -6.59 -1.07
CA LEU A 239 1.41 -6.14 0.11
C LEU A 239 0.23 -5.24 -0.28
N ASP A 240 0.40 -4.45 -1.35
CA ASP A 240 -0.66 -3.60 -1.86
C ASP A 240 -1.86 -4.44 -2.29
N ILE A 241 -1.64 -5.58 -2.95
CA ILE A 241 -2.71 -6.47 -3.39
C ILE A 241 -3.36 -7.14 -2.17
N VAL A 242 -2.55 -7.68 -1.28
CA VAL A 242 -3.05 -8.28 -0.03
C VAL A 242 -3.98 -7.32 0.74
N ALA A 243 -3.62 -6.03 0.82
CA ALA A 243 -4.43 -5.06 1.54
C ALA A 243 -5.82 -4.89 0.94
N LEU A 244 -6.04 -5.32 -0.30
CA LEU A 244 -7.34 -5.21 -0.94
C LEU A 244 -8.10 -6.54 -0.93
N PHE A 245 -7.50 -7.64 -0.46
CA PHE A 245 -8.17 -8.92 -0.37
C PHE A 245 -9.50 -8.86 0.40
N PRO A 246 -9.63 -8.05 1.47
CA PRO A 246 -10.91 -7.97 2.21
C PRO A 246 -12.09 -7.55 1.35
N ASN A 247 -11.80 -6.82 0.26
CA ASN A 247 -12.82 -6.30 -0.63
C ASN A 247 -13.53 -7.46 -1.33
N TYR A 248 -12.88 -8.62 -1.41
CA TYR A 248 -13.49 -9.77 -2.07
C TYR A 248 -14.65 -10.34 -1.24
N ASP A 249 -14.73 -9.99 0.05
CA ASP A 249 -15.87 -10.39 0.89
C ASP A 249 -17.14 -9.67 0.45
N VAL A 250 -17.82 -10.26 -0.53
CA VAL A 250 -18.93 -9.62 -1.22
C VAL A 250 -20.17 -9.47 -0.33
N ARG A 251 -20.28 -10.27 0.75
CA ARG A 251 -21.36 -10.09 1.71
C ARG A 251 -21.10 -8.86 2.58
N THR A 252 -19.83 -8.58 2.90
CA THR A 252 -19.46 -7.37 3.61
C THR A 252 -19.45 -6.16 2.66
N TYR A 253 -19.06 -6.39 1.39
CA TYR A 253 -18.99 -5.32 0.41
C TYR A 253 -19.90 -5.61 -0.78
N PRO A 254 -21.23 -5.56 -0.63
CA PRO A 254 -22.12 -5.93 -1.75
C PRO A 254 -22.36 -4.86 -2.79
N ILE A 255 -21.92 -3.60 -2.55
CA ILE A 255 -21.91 -2.59 -3.59
C ILE A 255 -20.46 -2.13 -3.82
N GLN A 256 -20.28 -1.17 -4.73
CA GLN A 256 -18.95 -0.64 -5.01
C GLN A 256 -18.28 -0.12 -3.75
N THR A 257 -17.01 -0.48 -3.54
CA THR A 257 -16.24 -0.01 -2.41
C THR A 257 -14.95 0.64 -2.94
N SER A 258 -14.45 1.61 -2.16
CA SER A 258 -13.23 2.35 -2.48
C SER A 258 -12.24 2.23 -1.30
N SER A 259 -11.04 1.69 -1.54
CA SER A 259 -9.97 1.61 -0.56
C SER A 259 -8.91 2.70 -0.81
N GLN A 260 -8.06 2.91 0.20
CA GLN A 260 -6.95 3.83 0.10
C GLN A 260 -5.74 3.12 0.68
N LEU A 261 -4.58 3.24 0.03
CA LEU A 261 -3.32 2.76 0.57
C LEU A 261 -2.55 3.95 1.12
N THR A 262 -2.23 3.90 2.41
CA THR A 262 -1.65 5.07 3.08
C THR A 262 -0.19 4.87 3.50
N ARG A 263 0.35 3.67 3.27
CA ARG A 263 1.76 3.38 3.55
C ARG A 263 2.67 4.26 2.66
N GLU A 264 3.85 4.55 3.20
CA GLU A 264 4.91 5.25 2.52
C GLU A 264 5.93 4.23 2.02
N ILE A 265 6.47 4.51 0.85
CA ILE A 265 7.65 3.80 0.37
C ILE A 265 8.74 4.85 0.11
N TYR A 266 9.99 4.41 0.26
CA TYR A 266 11.13 5.32 0.23
C TYR A 266 12.08 5.06 -0.92
N THR A 267 12.58 6.16 -1.51
CA THR A 267 13.67 6.11 -2.44
C THR A 267 14.81 6.97 -1.92
N SER A 268 16.05 6.59 -2.24
CA SER A 268 17.21 7.43 -1.93
C SER A 268 18.36 7.04 -2.85
N SER A 269 18.61 7.86 -3.87
CA SER A 269 19.67 7.55 -4.81
C SER A 269 21.04 7.54 -4.13
N VAL A 270 21.28 8.44 -3.16
CA VAL A 270 22.53 8.46 -2.41
C VAL A 270 22.82 7.13 -1.74
N ILE A 271 21.79 6.51 -1.17
CA ILE A 271 21.98 5.26 -0.46
C ILE A 271 21.92 4.11 -1.45
N GLU A 272 20.95 4.08 -2.38
CA GLU A 272 20.74 2.91 -3.22
C GLU A 272 21.68 2.84 -4.42
N ASP A 273 22.19 3.96 -4.95
CA ASP A 273 23.04 3.90 -6.14
C ASP A 273 24.53 3.98 -5.80
N SER A 274 24.91 3.97 -4.53
CA SER A 274 26.32 4.06 -4.18
C SER A 274 27.03 2.76 -4.53
N PRO A 275 28.23 2.76 -5.20
CA PRO A 275 28.96 1.52 -5.44
C PRO A 275 29.54 0.93 -4.17
N VAL A 276 29.64 1.71 -3.09
CA VAL A 276 30.27 1.29 -1.86
C VAL A 276 29.29 1.43 -0.70
N SER A 277 29.47 0.56 0.30
CA SER A 277 28.93 0.85 1.62
C SER A 277 29.58 2.12 2.12
N ALA A 278 28.79 3.00 2.73
CA ALA A 278 29.31 4.19 3.39
C ALA A 278 30.14 3.78 4.60
N ASN A 279 31.30 4.42 4.76
CA ASN A 279 32.09 4.16 5.95
C ASN A 279 31.58 5.06 7.05
N ILE A 280 30.57 4.57 7.78
CA ILE A 280 29.92 5.29 8.85
C ILE A 280 29.57 4.23 9.87
N PRO A 281 29.41 4.56 11.17
CA PRO A 281 28.97 3.58 12.14
C PRO A 281 27.47 3.26 12.01
N ASN A 282 27.12 1.97 12.08
CA ASN A 282 25.73 1.54 12.13
C ASN A 282 24.96 2.14 10.95
N GLY A 283 25.48 1.94 9.74
CA GLY A 283 24.96 2.61 8.56
C GLY A 283 23.53 2.19 8.24
N PHE A 284 23.25 0.88 8.40
CA PHE A 284 21.91 0.38 8.20
C PHE A 284 20.93 1.11 9.13
N ASN A 285 21.27 1.18 10.41
CA ASN A 285 20.39 1.84 11.36
C ASN A 285 20.24 3.32 11.04
N ARG A 286 21.31 3.97 10.59
CA ARG A 286 21.25 5.40 10.30
C ARG A 286 20.36 5.64 9.09
N ALA A 287 20.39 4.73 8.09
CA ALA A 287 19.51 4.86 6.93
C ALA A 287 18.05 4.63 7.33
N GLU A 288 17.79 3.59 8.13
CA GLU A 288 16.44 3.27 8.55
C GLU A 288 15.88 4.35 9.47
N PHE A 289 16.75 5.13 10.12
CA PHE A 289 16.33 6.26 10.94
C PHE A 289 15.62 7.34 10.12
N GLY A 290 15.91 7.40 8.82
CA GLY A 290 15.28 8.35 7.93
C GLY A 290 13.86 7.95 7.52
N VAL A 291 13.43 6.74 7.85
CA VAL A 291 12.03 6.36 7.66
C VAL A 291 11.21 7.00 8.77
N ARG A 292 10.14 7.74 8.42
CA ARG A 292 9.41 8.48 9.43
C ARG A 292 8.71 7.52 10.38
N PRO A 293 8.71 7.79 11.69
CA PRO A 293 7.89 6.98 12.59
C PRO A 293 6.41 7.09 12.24
N PRO A 294 5.57 6.13 12.67
CA PRO A 294 4.16 6.15 12.32
C PRO A 294 3.51 7.47 12.71
N HIS A 295 2.66 8.02 11.84
CA HIS A 295 2.05 9.33 12.04
C HIS A 295 0.75 9.40 11.24
N LEU A 296 -0.16 10.29 11.68
CA LEU A 296 -1.32 10.63 10.87
C LEU A 296 -0.83 11.22 9.56
N MET A 297 -1.61 11.00 8.49
CA MET A 297 -1.16 11.40 7.17
C MET A 297 -1.00 12.91 7.06
N ASP A 298 0.00 13.32 6.30
CA ASP A 298 0.20 14.72 5.98
C ASP A 298 0.73 14.76 4.56
N PHE A 299 0.73 15.95 3.94
CA PHE A 299 1.07 16.03 2.52
C PHE A 299 1.95 17.26 2.29
N MET A 300 3.18 17.07 1.87
CA MET A 300 4.07 18.19 1.64
C MET A 300 3.53 19.11 0.53
N ASN A 301 3.59 20.44 0.78
CA ASN A 301 3.32 21.41 -0.28
C ASN A 301 4.40 22.50 -0.35
N SER A 302 5.41 22.46 0.53
CA SER A 302 6.52 23.40 0.48
C SER A 302 7.81 22.64 0.72
N LEU A 303 8.86 23.05 0.00
CA LEU A 303 10.18 22.47 0.17
C LEU A 303 11.22 23.52 -0.19
N PHE A 304 12.18 23.72 0.73
CA PHE A 304 13.30 24.64 0.57
C PHE A 304 14.57 23.89 0.96
N VAL A 305 15.62 24.04 0.17
CA VAL A 305 16.80 23.19 0.27
C VAL A 305 18.04 24.08 0.45
N THR A 306 18.93 23.67 1.35
CA THR A 306 20.23 24.34 1.49
C THR A 306 21.34 23.44 0.97
N ALA A 307 22.17 24.05 0.12
CA ALA A 307 23.32 23.37 -0.42
C ALA A 307 24.49 23.53 0.54
N GLU A 308 25.28 22.47 0.71
CA GLU A 308 26.44 22.46 1.57
C GLU A 308 27.62 22.09 0.68
N THR A 309 28.79 22.72 0.90
CA THR A 309 30.01 22.26 0.26
C THR A 309 30.81 21.47 1.28
N VAL A 310 31.15 20.23 0.96
CA VAL A 310 31.91 19.42 1.89
C VAL A 310 33.02 18.73 1.12
N ARG A 311 34.26 18.90 1.63
CA ARG A 311 35.46 18.39 0.98
C ARG A 311 35.37 18.61 -0.53
N SER A 312 34.99 19.83 -0.92
CA SER A 312 35.07 20.29 -2.30
C SER A 312 33.87 19.90 -3.16
N GLN A 313 32.89 19.19 -2.60
CA GLN A 313 31.71 18.80 -3.38
C GLN A 313 30.49 19.54 -2.84
N THR A 314 29.69 20.17 -3.72
CA THR A 314 28.43 20.76 -3.30
C THR A 314 27.29 19.74 -3.41
N VAL A 315 26.55 19.59 -2.32
CA VAL A 315 25.50 18.58 -2.22
C VAL A 315 24.33 19.16 -1.42
N TRP A 316 23.20 18.47 -1.46
CA TRP A 316 22.08 18.75 -0.57
C TRP A 316 22.53 18.54 0.87
N GLY A 317 22.41 19.61 1.67
CA GLY A 317 22.94 19.64 3.03
C GLY A 317 21.86 19.69 4.11
N GLY A 318 20.67 20.14 3.73
CA GLY A 318 19.54 20.14 4.64
C GLY A 318 18.35 20.80 3.94
N HIS A 319 17.21 20.78 4.61
CA HIS A 319 16.01 21.25 3.94
C HIS A 319 14.92 21.46 4.97
N LEU A 320 13.88 22.14 4.51
CA LEU A 320 12.73 22.46 5.32
C LEU A 320 11.48 22.07 4.53
N VAL A 321 10.64 21.24 5.15
CA VAL A 321 9.40 20.77 4.56
C VAL A 321 8.25 21.44 5.30
N SER A 322 7.21 21.83 4.57
CA SER A 322 5.96 22.05 5.24
C SER A 322 4.82 21.39 4.49
N SER A 323 3.82 21.05 5.30
CA SER A 323 2.78 20.10 4.93
C SER A 323 1.43 20.56 5.46
N ARG A 324 0.37 19.90 4.95
CA ARG A 324 -0.99 20.08 5.40
C ARG A 324 -1.50 18.70 5.83
N ASN A 325 -2.27 18.67 6.93
CA ASN A 325 -3.01 17.47 7.31
C ASN A 325 -4.32 17.40 6.53
N THR A 326 -5.16 16.39 6.85
CA THR A 326 -6.36 16.14 6.09
C THR A 326 -7.46 17.17 6.40
N ALA A 327 -7.22 17.99 7.41
CA ALA A 327 -8.11 19.10 7.72
C ALA A 327 -7.65 20.35 6.99
N GLY A 328 -6.47 20.34 6.37
CA GLY A 328 -5.97 21.54 5.71
C GLY A 328 -5.14 22.44 6.62
N ASN A 329 -4.83 22.00 7.85
CA ASN A 329 -4.01 22.77 8.76
C ASN A 329 -2.54 22.54 8.45
N ARG A 330 -1.76 23.61 8.65
CA ARG A 330 -0.34 23.61 8.31
C ARG A 330 0.39 22.84 9.39
N ILE A 331 1.34 21.99 8.97
CA ILE A 331 2.27 21.34 9.88
C ILE A 331 3.67 21.78 9.45
N ASN A 332 4.41 22.39 10.38
CA ASN A 332 5.74 22.92 10.10
C ASN A 332 6.68 21.95 10.81
N PHE A 333 7.52 21.23 10.05
CA PHE A 333 8.43 20.26 10.63
C PHE A 333 9.73 20.99 10.93
N PRO A 334 10.45 20.64 12.02
CA PRO A 334 11.79 21.15 12.24
C PRO A 334 12.63 20.82 10.99
N SER A 335 13.57 21.69 10.63
CA SER A 335 14.39 21.43 9.45
C SER A 335 15.24 20.18 9.61
N TYR A 336 15.57 19.59 8.47
CA TYR A 336 16.41 18.42 8.40
C TYR A 336 17.83 18.83 8.05
N GLY A 337 18.81 18.10 8.59
CA GLY A 337 20.18 18.36 8.19
C GLY A 337 20.57 19.76 8.67
N VAL A 338 21.42 20.45 7.89
CA VAL A 338 21.84 21.79 8.24
C VAL A 338 21.14 22.74 7.29
N PHE A 339 20.13 23.43 7.78
CA PHE A 339 19.31 24.30 6.95
C PHE A 339 19.48 25.75 7.43
N ASN A 340 19.83 26.63 6.50
CA ASN A 340 19.90 28.05 6.69
C ASN A 340 18.90 28.75 5.80
N PRO A 341 17.97 29.55 6.38
CA PRO A 341 16.97 30.23 5.59
C PRO A 341 17.65 31.09 4.53
N GLY A 342 18.78 31.72 4.83
CA GLY A 342 19.46 32.56 3.85
C GLY A 342 19.96 31.73 2.67
N GLY A 343 19.58 32.12 1.44
CA GLY A 343 20.04 31.42 0.24
C GLY A 343 19.47 30.01 0.08
N ALA A 344 18.39 29.66 0.79
CA ALA A 344 17.67 28.42 0.52
C ALA A 344 17.13 28.43 -0.91
N ILE A 345 17.14 27.28 -1.56
CA ILE A 345 16.56 27.15 -2.90
C ILE A 345 15.07 26.79 -2.75
N TRP A 346 14.17 27.59 -3.35
CA TRP A 346 12.74 27.33 -3.39
C TRP A 346 12.47 26.18 -4.35
N ILE A 347 11.93 25.06 -3.85
CA ILE A 347 11.38 24.07 -4.75
C ILE A 347 9.88 24.28 -4.86
N ALA A 348 9.22 24.51 -3.72
CA ALA A 348 7.77 24.73 -3.69
C ALA A 348 7.45 25.56 -2.46
N ASP A 349 6.46 26.44 -2.62
CA ASP A 349 5.90 27.23 -1.53
C ASP A 349 4.38 27.15 -1.60
N GLU A 350 3.76 26.39 -0.68
CA GLU A 350 2.31 26.27 -0.63
C GLU A 350 1.78 25.93 -2.02
N ASP A 351 2.39 24.92 -2.65
CA ASP A 351 1.97 24.49 -3.98
C ASP A 351 1.02 23.30 -3.87
N PRO A 352 -0.25 23.40 -4.33
CA PRO A 352 -1.23 22.34 -4.16
C PRO A 352 -1.00 21.12 -5.06
N ARG A 353 -0.08 21.18 -6.00
CA ARG A 353 0.17 19.98 -6.76
C ARG A 353 1.52 19.38 -6.43
N PRO A 354 1.51 18.12 -5.94
CA PRO A 354 2.76 17.45 -5.54
C PRO A 354 3.57 17.00 -6.76
N PHE A 355 4.82 16.60 -6.46
CA PHE A 355 5.75 16.02 -7.42
C PHE A 355 5.45 14.53 -7.60
N TYR A 356 5.63 14.03 -8.83
CA TYR A 356 5.46 12.61 -9.12
C TYR A 356 6.80 11.96 -9.48
N ARG A 357 7.87 12.74 -9.54
CA ARG A 357 9.10 12.21 -10.08
C ARG A 357 10.31 12.96 -9.56
N THR A 358 11.39 12.22 -9.28
CA THR A 358 12.70 12.81 -9.08
C THR A 358 13.64 12.35 -10.19
N LEU A 359 14.55 13.25 -10.58
CA LEU A 359 15.63 12.94 -11.51
C LEU A 359 16.94 13.29 -10.78
N SER A 360 17.62 12.26 -10.26
CA SER A 360 18.65 12.38 -9.24
C SER A 360 20.04 12.36 -9.89
N ASP A 361 20.93 13.22 -9.36
CA ASP A 361 22.34 13.28 -9.77
C ASP A 361 23.19 13.13 -8.51
N PRO A 362 23.36 11.88 -8.05
CA PRO A 362 24.20 11.59 -6.89
C PRO A 362 25.69 11.69 -7.23
N VAL A 363 26.51 11.93 -6.20
CA VAL A 363 27.96 11.94 -6.34
C VAL A 363 28.55 10.99 -5.32
N PHE A 364 29.47 10.16 -5.81
CA PHE A 364 30.23 9.25 -4.97
C PHE A 364 31.67 9.44 -5.42
N VAL A 365 32.43 10.25 -4.69
CA VAL A 365 33.76 10.65 -5.11
C VAL A 365 34.67 10.58 -3.89
N ARG A 366 35.84 9.92 -4.07
CA ARG A 366 36.87 9.79 -3.06
C ARG A 366 38.19 10.35 -3.59
N GLY A 367 39.19 10.54 -2.73
CA GLY A 367 40.49 10.94 -3.21
C GLY A 367 41.19 9.80 -3.96
N GLY A 368 42.08 9.12 -3.23
CA GLY A 368 43.18 8.39 -3.81
C GLY A 368 44.27 8.32 -2.77
N PHE A 369 45.29 7.47 -2.95
CA PHE A 369 46.41 7.41 -2.02
C PHE A 369 46.41 8.69 -1.16
N GLY A 370 45.89 8.62 0.07
CA GLY A 370 45.72 9.80 0.90
C GLY A 370 44.45 10.57 0.54
N ASN A 371 43.46 10.53 1.46
CA ASN A 371 42.09 10.92 1.19
C ASN A 371 41.35 9.76 0.53
N PRO A 372 41.37 8.55 1.13
CA PRO A 372 40.60 7.43 0.62
C PRO A 372 39.12 7.50 0.99
N HIS A 373 38.71 8.65 1.53
CA HIS A 373 37.40 8.81 2.12
C HIS A 373 36.44 9.32 1.04
N TYR A 374 35.16 8.93 1.12
CA TYR A 374 34.18 9.29 0.12
C TYR A 374 33.37 10.48 0.61
N VAL A 375 32.97 11.33 -0.33
CA VAL A 375 31.75 12.14 -0.20
C VAL A 375 30.66 11.40 -0.95
N LEU A 376 29.55 11.16 -0.24
CA LEU A 376 28.38 10.50 -0.81
C LEU A 376 27.19 11.42 -0.56
N GLY A 377 26.68 11.95 -1.67
CA GLY A 377 25.65 12.98 -1.57
C GLY A 377 24.87 13.18 -2.86
N LEU A 378 23.92 14.11 -2.79
CA LEU A 378 23.13 14.46 -3.96
C LEU A 378 23.59 15.83 -4.47
N ARG A 379 24.24 15.79 -5.63
CA ARG A 379 24.82 16.98 -6.23
C ARG A 379 23.72 17.83 -6.84
N GLY A 380 22.68 17.16 -7.35
CA GLY A 380 21.54 17.82 -7.96
C GLY A 380 20.32 16.89 -8.00
N VAL A 381 19.12 17.46 -8.03
CA VAL A 381 17.91 16.69 -8.29
C VAL A 381 16.91 17.67 -8.88
N ALA A 382 16.20 17.19 -9.90
CA ALA A 382 15.03 17.86 -10.46
C ALA A 382 13.76 17.11 -10.03
N PHE A 383 12.73 17.88 -9.71
CA PHE A 383 11.41 17.37 -9.37
C PHE A 383 10.45 17.74 -10.49
N GLN A 384 9.60 16.81 -10.92
CA GLN A 384 8.57 17.15 -11.89
C GLN A 384 7.20 16.94 -11.28
N GLN A 385 6.30 17.84 -11.67
CA GLN A 385 5.07 18.08 -10.94
C GLN A 385 3.92 17.34 -11.60
N THR A 386 3.03 16.78 -10.77
CA THR A 386 1.77 16.22 -11.24
C THR A 386 0.96 17.25 -12.00
N GLY A 387 0.30 16.79 -13.07
CA GLY A 387 -0.61 17.66 -13.82
C GLY A 387 0.11 18.51 -14.85
N THR A 388 1.01 19.38 -14.41
CA THR A 388 1.65 20.38 -15.24
C THR A 388 2.90 19.85 -15.90
N ASN A 389 3.55 18.87 -15.26
CA ASN A 389 4.87 18.39 -15.60
C ASN A 389 5.93 19.50 -15.48
N HIS A 390 5.67 20.59 -14.73
CA HIS A 390 6.72 21.56 -14.51
C HIS A 390 7.86 20.93 -13.72
N THR A 391 9.06 21.47 -13.93
CA THR A 391 10.29 21.00 -13.30
C THR A 391 10.72 22.06 -12.28
N ARG A 392 11.14 21.61 -11.11
CA ARG A 392 11.75 22.45 -10.09
C ARG A 392 13.08 21.80 -9.75
N THR A 393 14.16 22.57 -9.83
CA THR A 393 15.49 21.98 -9.78
C THR A 393 16.30 22.46 -8.57
N PHE A 394 16.94 21.49 -7.90
CA PHE A 394 18.03 21.76 -7.00
C PHE A 394 19.30 21.55 -7.79
N ARG A 395 19.87 22.67 -8.25
CA ARG A 395 21.19 22.77 -8.87
C ARG A 395 21.19 22.26 -10.31
N ASN A 396 20.87 20.97 -10.50
CA ASN A 396 20.74 20.41 -11.85
C ASN A 396 19.98 19.08 -11.80
N SER A 397 19.51 18.61 -12.96
CA SER A 397 18.86 17.30 -13.02
C SER A 397 19.92 16.22 -13.15
N GLY A 398 19.52 14.98 -12.94
CA GLY A 398 20.36 13.86 -13.30
C GLY A 398 19.52 12.78 -13.99
N THR A 399 20.12 11.61 -14.12
CA THR A 399 19.56 10.59 -14.97
C THR A 399 19.00 9.44 -14.14
N ILE A 400 19.06 9.50 -12.80
CA ILE A 400 18.46 8.48 -11.96
C ILE A 400 16.99 8.85 -11.77
N ASP A 401 16.10 8.06 -12.38
CA ASP A 401 14.71 8.38 -12.56
C ASP A 401 13.85 7.55 -11.59
N SER A 402 13.12 8.23 -10.71
CA SER A 402 12.23 7.57 -9.75
C SER A 402 11.14 6.72 -10.42
N LEU A 403 10.79 7.02 -11.67
CA LEU A 403 9.78 6.25 -12.39
C LEU A 403 10.24 4.81 -12.66
N ASP A 404 11.57 4.58 -12.61
CA ASP A 404 12.13 3.24 -12.74
C ASP A 404 11.88 2.44 -11.45
N GLU A 405 11.63 3.12 -10.34
CA GLU A 405 11.44 2.48 -9.06
C GLU A 405 9.96 2.44 -8.70
N ILE A 406 9.24 3.52 -9.03
CA ILE A 406 7.83 3.70 -8.69
C ILE A 406 7.12 4.16 -9.96
N PRO A 407 6.81 3.22 -10.87
CA PRO A 407 6.30 3.61 -12.16
C PRO A 407 4.84 4.03 -12.17
N PRO A 408 4.40 4.56 -13.32
CA PRO A 408 3.01 4.93 -13.50
C PRO A 408 2.09 3.71 -13.34
N GLN A 409 0.81 3.99 -13.06
CA GLN A 409 -0.23 3.00 -12.91
C GLN A 409 -1.01 2.81 -14.21
N ASP A 410 -0.54 3.46 -15.29
CA ASP A 410 -1.14 3.35 -16.59
C ASP A 410 -0.16 3.94 -17.59
N ASN A 411 -0.37 3.69 -18.89
CA ASN A 411 0.43 4.35 -19.90
C ASN A 411 -0.43 5.05 -20.94
N SER A 412 -0.62 6.37 -20.76
CA SER A 412 -1.29 7.25 -21.72
C SER A 412 -0.30 8.10 -22.50
N GLY A 413 1.01 7.90 -22.30
CA GLY A 413 2.04 8.78 -22.86
C GLY A 413 2.32 10.02 -21.98
N ALA A 414 1.73 10.05 -20.76
CA ALA A 414 1.80 11.21 -19.87
C ALA A 414 1.95 10.74 -18.42
N PRO A 415 3.19 10.45 -18.02
CA PRO A 415 3.50 10.13 -16.63
C PRO A 415 2.99 11.15 -15.60
N TRP A 416 2.97 12.43 -15.97
CA TRP A 416 2.49 13.49 -15.09
C TRP A 416 0.98 13.40 -14.82
N ASN A 417 0.24 12.61 -15.58
CA ASN A 417 -1.14 12.30 -15.27
C ASN A 417 -1.31 10.85 -14.81
N ASP A 418 -0.40 9.96 -15.24
CA ASP A 418 -0.56 8.53 -15.09
C ASP A 418 0.14 8.00 -13.82
N TYR A 419 0.84 8.89 -13.10
CA TYR A 419 1.59 8.50 -11.91
C TYR A 419 0.77 7.63 -10.96
N SER A 420 1.50 6.81 -10.19
CA SER A 420 0.91 5.94 -9.19
C SER A 420 1.04 6.55 -7.80
N HIS A 421 2.08 7.39 -7.58
CA HIS A 421 2.46 7.85 -6.26
C HIS A 421 2.80 9.33 -6.36
N VAL A 422 2.68 10.03 -5.23
CA VAL A 422 3.15 11.40 -5.13
C VAL A 422 4.22 11.50 -4.06
N LEU A 423 5.06 12.54 -4.18
CA LEU A 423 6.09 12.77 -3.17
C LEU A 423 5.40 13.37 -1.94
N ASN A 424 5.43 12.62 -0.84
CA ASN A 424 4.70 12.94 0.36
C ASN A 424 5.54 13.76 1.36
N HIS A 425 6.85 13.46 1.43
CA HIS A 425 7.75 14.06 2.41
C HIS A 425 9.20 13.79 1.98
N VAL A 426 10.13 14.59 2.53
CA VAL A 426 11.55 14.39 2.34
C VAL A 426 12.22 14.40 3.71
N THR A 427 12.96 13.32 4.03
CA THR A 427 13.75 13.25 5.24
C THR A 427 15.23 13.31 4.83
N PHE A 428 16.12 13.26 5.81
CA PHE A 428 17.54 13.43 5.54
C PHE A 428 18.35 12.78 6.65
N VAL A 429 19.35 11.98 6.25
CA VAL A 429 20.25 11.36 7.20
C VAL A 429 21.68 11.75 6.81
N ARG A 430 22.55 11.88 7.82
CA ARG A 430 23.89 12.41 7.62
C ARG A 430 24.86 11.77 8.61
N TRP A 431 26.11 11.77 8.19
CA TRP A 431 27.24 11.42 9.03
C TRP A 431 28.39 12.31 8.62
N PRO A 432 28.89 13.18 9.51
CA PRO A 432 29.96 14.11 9.14
C PRO A 432 31.31 13.48 9.40
N GLY A 433 31.57 12.39 8.68
CA GLY A 433 32.77 11.59 8.91
C GLY A 433 34.05 12.38 8.63
N GLU A 434 33.94 13.49 7.90
CA GLU A 434 35.09 14.37 7.63
C GLU A 434 35.68 14.91 8.94
N ILE A 435 34.92 14.88 10.05
CA ILE A 435 35.39 15.32 11.34
C ILE A 435 36.43 14.32 11.85
N SER A 436 36.23 13.03 11.58
CA SER A 436 36.94 12.00 12.33
C SER A 436 37.39 10.85 11.44
N GLY A 437 37.74 11.15 10.18
CA GLY A 437 38.42 10.18 9.36
C GLY A 437 37.49 9.09 8.84
N SER A 438 36.31 9.50 8.36
CA SER A 438 35.40 8.55 7.75
C SER A 438 34.62 9.27 6.65
N ASP A 439 33.59 8.61 6.11
CA ASP A 439 32.97 9.11 4.89
C ASP A 439 32.08 10.30 5.22
N SER A 440 32.00 11.27 4.31
CA SER A 440 31.02 12.36 4.38
C SER A 440 29.72 11.94 3.67
N TRP A 441 28.72 11.56 4.45
CA TRP A 441 27.49 10.96 3.94
C TRP A 441 26.33 11.91 4.19
N ARG A 442 25.72 12.39 3.10
CA ARG A 442 24.58 13.30 3.11
C ARG A 442 23.47 12.72 2.24
N ALA A 443 22.47 12.09 2.86
CA ALA A 443 21.52 11.30 2.09
C ALA A 443 20.10 11.83 2.25
N PRO A 444 19.54 12.56 1.25
CA PRO A 444 18.10 12.82 1.25
C PRO A 444 17.33 11.54 0.97
N MET A 445 16.20 11.36 1.65
CA MET A 445 15.35 10.20 1.47
C MET A 445 13.94 10.69 1.15
N PHE A 446 13.33 10.10 0.11
CA PHE A 446 12.10 10.58 -0.49
C PHE A 446 10.99 9.58 -0.17
N SER A 447 9.97 10.11 0.49
CA SER A 447 8.81 9.38 0.96
C SER A 447 7.67 9.57 -0.03
N TRP A 448 7.11 8.46 -0.51
CA TRP A 448 6.10 8.47 -1.55
C TRP A 448 4.84 7.80 -1.04
N THR A 449 3.70 8.46 -1.29
CA THR A 449 2.41 7.85 -0.96
C THR A 449 1.62 7.57 -2.24
N HIS A 450 0.82 6.51 -2.19
CA HIS A 450 -0.03 6.08 -3.28
C HIS A 450 -1.10 7.16 -3.47
N ARG A 451 -1.40 7.49 -4.74
CA ARG A 451 -2.31 8.60 -5.04
C ARG A 451 -3.71 8.38 -4.49
N SER A 452 -4.09 7.12 -4.20
CA SER A 452 -5.38 6.78 -3.62
C SER A 452 -5.56 7.45 -2.25
N ALA A 453 -4.45 7.77 -1.56
CA ALA A 453 -4.54 8.38 -0.23
C ALA A 453 -4.59 9.88 -0.43
N THR A 454 -5.80 10.39 -0.62
CA THR A 454 -5.98 11.76 -1.09
C THR A 454 -5.82 12.72 0.08
N PRO A 455 -5.44 13.97 -0.19
CA PRO A 455 -5.17 14.92 0.88
C PRO A 455 -6.41 15.36 1.65
N THR A 456 -7.62 15.02 1.15
CA THR A 456 -8.85 15.17 1.90
C THR A 456 -9.72 13.91 1.85
N ASN A 457 -10.68 13.85 2.78
CA ASN A 457 -11.50 12.68 2.98
C ASN A 457 -12.89 12.93 2.41
N THR A 458 -13.29 12.09 1.46
CA THR A 458 -14.53 12.27 0.71
C THR A 458 -15.42 11.04 0.89
N ILE A 459 -16.69 11.29 1.22
CA ILE A 459 -17.70 10.25 1.37
C ILE A 459 -18.61 10.36 0.14
N ASP A 460 -18.92 9.22 -0.46
CA ASP A 460 -19.73 9.16 -1.66
C ASP A 460 -21.00 8.39 -1.34
N PRO A 461 -22.20 8.91 -1.69
CA PRO A 461 -23.43 8.18 -1.43
C PRO A 461 -23.65 6.92 -2.24
N GLU A 462 -22.78 6.62 -3.20
CA GLU A 462 -23.00 5.42 -4.00
C GLU A 462 -21.88 4.39 -3.82
N ARG A 463 -21.12 4.49 -2.73
CA ARG A 463 -20.05 3.58 -2.44
C ARG A 463 -20.07 3.26 -0.96
N ILE A 464 -19.54 2.09 -0.59
CA ILE A 464 -18.99 1.93 0.74
C ILE A 464 -17.63 2.61 0.76
N THR A 465 -17.51 3.75 1.44
CA THR A 465 -16.27 4.52 1.43
C THR A 465 -15.41 4.06 2.61
N GLN A 466 -14.17 3.69 2.31
CA GLN A 466 -13.21 3.27 3.33
C GLN A 466 -12.27 4.43 3.65
N ILE A 467 -12.26 4.82 4.92
CA ILE A 467 -11.34 5.86 5.37
C ILE A 467 -10.45 5.26 6.45
N PRO A 468 -9.15 4.99 6.14
CA PRO A 468 -8.19 4.58 7.18
C PRO A 468 -8.12 5.66 8.25
N LEU A 469 -8.06 5.24 9.52
CA LEU A 469 -8.12 6.22 10.61
C LEU A 469 -6.81 7.03 10.68
N VAL A 470 -5.73 6.59 10.01
CA VAL A 470 -4.55 7.45 9.88
C VAL A 470 -4.84 8.66 8.98
N LYS A 471 -6.03 8.74 8.36
CA LYS A 471 -6.45 9.95 7.66
C LYS A 471 -7.17 10.96 8.55
N ALA A 472 -7.20 10.68 9.87
CA ALA A 472 -7.56 11.67 10.89
C ALA A 472 -6.53 12.80 10.89
N HIS A 473 -6.89 13.95 11.48
CA HIS A 473 -5.97 15.07 11.56
C HIS A 473 -5.50 15.33 12.99
N THR A 474 -6.15 14.79 14.04
CA THR A 474 -5.71 14.98 15.41
C THR A 474 -5.97 13.70 16.20
N LEU A 475 -4.99 13.31 17.01
CA LEU A 475 -5.13 12.21 17.96
C LEU A 475 -5.67 12.71 19.30
N GLN A 476 -6.52 11.91 19.94
CA GLN A 476 -6.83 12.10 21.35
C GLN A 476 -5.57 11.72 22.14
N SER A 477 -5.30 12.45 23.23
CA SER A 477 -4.30 12.02 24.18
C SER A 477 -4.48 10.54 24.56
N GLY A 478 -3.40 9.78 24.53
CA GLY A 478 -3.45 8.36 24.85
C GLY A 478 -3.63 7.47 23.62
N THR A 479 -3.98 8.07 22.48
CA THR A 479 -4.00 7.32 21.24
C THR A 479 -2.67 7.45 20.52
N THR A 480 -2.15 6.32 20.03
CA THR A 480 -0.89 6.29 19.29
C THR A 480 -1.11 5.68 17.90
N VAL A 481 -0.35 6.19 16.92
CA VAL A 481 -0.22 5.54 15.63
C VAL A 481 0.86 4.46 15.74
N VAL A 482 0.51 3.25 15.37
CA VAL A 482 1.47 2.17 15.41
C VAL A 482 1.64 1.61 14.01
N ARG A 483 2.83 1.05 13.77
CA ARG A 483 3.18 0.56 12.45
C ARG A 483 2.18 -0.55 12.14
N GLY A 484 1.64 -0.54 10.92
CA GLY A 484 0.63 -1.53 10.56
C GLY A 484 1.27 -2.91 10.51
N PRO A 485 0.49 -3.99 10.69
CA PRO A 485 1.04 -5.32 10.62
C PRO A 485 1.49 -5.75 9.22
N GLY A 486 1.12 -5.00 8.18
CA GLY A 486 1.62 -5.28 6.85
C GLY A 486 0.52 -5.62 5.84
N PHE A 487 -0.69 -5.96 6.31
CA PHE A 487 -1.76 -6.38 5.41
C PHE A 487 -2.92 -5.36 5.37
N THR A 488 -2.79 -4.20 6.04
CA THR A 488 -3.91 -3.26 6.03
C THR A 488 -3.65 -2.14 5.02
N GLY A 489 -2.45 -2.05 4.49
CA GLY A 489 -2.20 -1.03 3.48
C GLY A 489 -1.64 0.25 4.10
N GLY A 490 -1.33 0.20 5.40
CA GLY A 490 -0.75 1.33 6.10
C GLY A 490 -0.73 1.11 7.60
N ASP A 491 -0.59 2.22 8.34
CA ASP A 491 -0.54 2.19 9.79
C ASP A 491 -1.95 2.20 10.40
N ILE A 492 -2.02 1.96 11.71
CA ILE A 492 -3.25 1.76 12.46
C ILE A 492 -3.14 2.52 13.79
N LEU A 493 -4.27 2.70 14.48
CA LEU A 493 -4.29 3.45 15.72
C LEU A 493 -4.59 2.51 16.88
N ARG A 494 -4.08 2.88 18.07
CA ARG A 494 -4.16 2.01 19.25
C ARG A 494 -4.51 2.84 20.47
N ARG A 495 -5.39 2.31 21.30
CA ARG A 495 -5.57 2.82 22.65
C ARG A 495 -5.48 1.66 23.64
N THR A 496 -5.16 2.02 24.89
CA THR A 496 -5.10 1.06 25.98
C THR A 496 -6.08 1.43 27.09
N SER A 497 -6.83 2.52 26.90
CA SER A 497 -7.92 2.87 27.78
C SER A 497 -9.02 3.52 26.97
N GLY A 498 -10.19 3.60 27.60
CA GLY A 498 -11.39 4.12 26.96
C GLY A 498 -11.14 5.56 26.53
N GLY A 499 -11.60 5.89 25.33
CA GLY A 499 -11.65 7.26 24.93
C GLY A 499 -11.89 7.35 23.43
N PRO A 500 -12.12 8.58 22.94
CA PRO A 500 -12.04 8.83 21.51
C PRO A 500 -10.63 8.50 20.98
N PHE A 501 -10.57 7.95 19.75
CA PHE A 501 -9.30 7.66 19.11
C PHE A 501 -8.75 8.93 18.47
N ALA A 502 -9.53 9.51 17.55
CA ALA A 502 -9.03 10.53 16.66
C ALA A 502 -10.21 11.19 15.98
N TYR A 503 -9.90 12.36 15.39
CA TYR A 503 -10.84 13.34 14.89
C TYR A 503 -10.54 13.53 13.41
N THR A 504 -11.61 13.43 12.62
CA THR A 504 -11.50 13.46 11.17
C THR A 504 -12.52 14.45 10.61
N ILE A 505 -12.10 15.15 9.55
CA ILE A 505 -13.00 15.96 8.76
C ILE A 505 -13.33 15.19 7.50
N VAL A 506 -14.62 15.07 7.20
CA VAL A 506 -15.04 14.45 5.95
C VAL A 506 -15.88 15.44 5.15
N ASN A 507 -15.83 15.22 3.83
CA ASN A 507 -16.55 15.99 2.83
C ASN A 507 -17.54 15.06 2.16
N ILE A 508 -18.80 15.43 2.19
CA ILE A 508 -19.82 14.52 1.70
C ILE A 508 -20.28 14.97 0.33
N ASN A 509 -20.18 14.07 -0.66
CA ASN A 509 -20.70 14.29 -1.99
C ASN A 509 -22.21 14.09 -2.00
N GLY A 510 -22.87 14.82 -2.89
CA GLY A 510 -24.28 14.62 -3.15
C GLY A 510 -25.16 15.28 -2.10
N GLN A 511 -26.27 14.60 -1.81
CA GLN A 511 -27.42 15.13 -1.10
C GLN A 511 -27.25 14.82 0.39
N LEU A 512 -27.35 15.86 1.23
CA LEU A 512 -27.20 15.70 2.67
C LEU A 512 -28.23 14.72 3.22
N PRO A 513 -29.47 14.63 2.66
CA PRO A 513 -30.44 13.68 3.19
C PRO A 513 -30.06 12.19 3.07
N GLN A 514 -28.95 11.85 2.39
CA GLN A 514 -28.55 10.44 2.35
C GLN A 514 -28.22 9.95 3.76
N ARG A 515 -28.79 8.81 4.11
CA ARG A 515 -28.51 8.15 5.38
C ARG A 515 -27.31 7.23 5.20
N TYR A 516 -26.48 7.14 6.24
CA TYR A 516 -25.35 6.23 6.29
C TYR A 516 -25.37 5.46 7.60
N ARG A 517 -24.72 4.29 7.58
CA ARG A 517 -24.27 3.66 8.81
C ARG A 517 -22.76 3.57 8.80
N ALA A 518 -22.22 3.65 10.03
CA ALA A 518 -20.79 3.57 10.28
C ALA A 518 -20.41 2.13 10.62
N ARG A 519 -19.33 1.65 9.96
CA ARG A 519 -18.75 0.35 10.24
C ARG A 519 -17.26 0.48 10.50
N ILE A 520 -16.79 -0.10 11.60
CA ILE A 520 -15.45 0.14 12.09
C ILE A 520 -14.67 -1.17 12.00
N ARG A 521 -13.49 -1.13 11.36
CA ARG A 521 -12.65 -2.32 11.33
C ARG A 521 -11.63 -2.22 12.46
N TYR A 522 -11.75 -3.17 13.40
CA TYR A 522 -11.12 -3.07 14.71
C TYR A 522 -10.58 -4.44 15.13
N ALA A 523 -9.57 -4.41 15.99
CA ALA A 523 -9.16 -5.56 16.77
C ALA A 523 -9.15 -5.17 18.25
N SER A 524 -9.46 -6.12 19.14
CA SER A 524 -9.57 -5.77 20.55
C SER A 524 -9.29 -6.98 21.44
N THR A 525 -8.58 -6.73 22.54
CA THR A 525 -8.33 -7.76 23.54
C THR A 525 -9.52 -7.88 24.48
N THR A 526 -10.60 -7.09 24.27
CA THR A 526 -11.70 -7.02 25.21
C THR A 526 -13.00 -6.70 24.48
N ASN A 527 -14.11 -7.22 25.00
CA ASN A 527 -15.41 -6.66 24.71
C ASN A 527 -15.39 -5.17 25.02
N LEU A 528 -16.20 -4.42 24.27
CA LEU A 528 -16.13 -2.99 24.37
C LEU A 528 -17.30 -2.33 23.66
N ARG A 529 -17.46 -1.05 23.97
CA ARG A 529 -18.36 -0.17 23.24
C ARG A 529 -17.56 0.58 22.18
N ILE A 530 -18.05 0.57 20.93
CA ILE A 530 -17.46 1.42 19.89
C ILE A 530 -18.52 2.45 19.48
N TYR A 531 -18.10 3.70 19.28
CA TYR A 531 -19.02 4.74 18.91
C TYR A 531 -18.43 5.68 17.87
N VAL A 532 -19.32 6.41 17.18
CA VAL A 532 -18.92 7.51 16.33
C VAL A 532 -19.71 8.74 16.76
N THR A 533 -19.06 9.89 16.69
CA THR A 533 -19.72 11.17 16.88
C THR A 533 -19.79 11.87 15.53
N VAL A 534 -21.02 12.27 15.16
CA VAL A 534 -21.26 12.92 13.88
C VAL A 534 -21.37 14.43 14.11
N ALA A 535 -20.44 15.17 13.48
CA ALA A 535 -20.43 16.62 13.48
C ALA A 535 -20.42 17.15 14.91
N GLY A 536 -19.74 16.47 15.82
CA GLY A 536 -19.65 16.97 17.18
C GLY A 536 -20.97 16.92 17.94
N GLU A 537 -22.06 16.41 17.35
CA GLU A 537 -23.36 16.53 18.01
C GLU A 537 -23.81 15.16 18.53
N ARG A 538 -24.13 14.21 17.66
CA ARG A 538 -24.84 13.01 18.08
C ARG A 538 -23.87 11.84 18.08
N ILE A 539 -24.02 10.99 19.08
CA ILE A 539 -23.12 9.86 19.27
C ILE A 539 -23.94 8.59 19.15
N PHE A 540 -23.51 7.71 18.25
CA PHE A 540 -24.14 6.42 18.01
C PHE A 540 -23.14 5.35 18.42
N ALA A 541 -23.61 4.31 19.11
CA ALA A 541 -22.70 3.33 19.67
C ALA A 541 -23.31 1.95 19.56
N GLY A 542 -22.43 0.96 19.67
CA GLY A 542 -22.77 -0.45 19.79
C GLY A 542 -21.79 -1.16 20.71
N GLN A 543 -22.23 -2.33 21.18
CA GLN A 543 -21.43 -3.23 21.99
C GLN A 543 -20.82 -4.30 21.09
N PHE A 544 -19.51 -4.53 21.18
CA PHE A 544 -18.84 -5.47 20.28
C PHE A 544 -17.92 -6.37 21.07
N ASN A 545 -17.40 -7.40 20.40
CA ASN A 545 -16.67 -8.48 21.06
C ASN A 545 -15.14 -8.33 20.95
N LYS A 546 -14.45 -8.90 21.94
CA LYS A 546 -13.04 -9.27 21.88
C LYS A 546 -12.75 -10.09 20.62
N THR A 547 -11.60 -9.82 19.99
CA THR A 547 -11.20 -10.55 18.78
C THR A 547 -9.86 -11.25 18.94
N MET A 548 -9.11 -10.95 20.00
CA MET A 548 -7.77 -11.49 20.16
C MET A 548 -7.38 -11.45 21.64
N ASP A 549 -6.21 -12.01 21.95
CA ASP A 549 -5.61 -11.88 23.27
C ASP A 549 -4.41 -10.97 23.21
N THR A 550 -4.10 -10.44 24.39
CA THR A 550 -2.97 -9.55 24.57
C THR A 550 -1.67 -10.23 24.16
N GLY A 551 -0.93 -9.55 23.27
CA GLY A 551 0.36 -10.01 22.78
C GLY A 551 0.29 -10.77 21.46
N ASP A 552 -0.92 -11.12 21.00
CA ASP A 552 -1.05 -11.96 19.82
C ASP A 552 -0.57 -11.17 18.61
N PRO A 553 0.18 -11.78 17.66
CA PRO A 553 0.49 -11.07 16.42
C PRO A 553 -0.86 -10.74 15.80
N LEU A 554 -0.96 -9.62 15.10
CA LEU A 554 -2.18 -9.25 14.39
C LEU A 554 -2.25 -10.05 13.09
N THR A 555 -3.39 -10.69 12.80
CA THR A 555 -3.59 -11.34 11.50
C THR A 555 -4.90 -10.84 10.92
N PHE A 556 -5.24 -11.24 9.71
CA PHE A 556 -6.56 -10.89 9.16
C PHE A 556 -7.67 -11.22 10.16
N GLN A 557 -7.52 -12.35 10.86
CA GLN A 557 -8.54 -12.84 11.76
C GLN A 557 -8.65 -12.00 13.05
N SER A 558 -7.61 -11.25 13.44
CA SER A 558 -7.67 -10.38 14.61
C SER A 558 -8.68 -9.26 14.43
N PHE A 559 -9.01 -8.93 13.18
CA PHE A 559 -9.82 -7.76 12.87
C PHE A 559 -11.25 -8.23 12.65
N SER A 560 -12.21 -7.46 13.15
CA SER A 560 -13.61 -7.66 12.84
C SER A 560 -14.21 -6.36 12.38
N TYR A 561 -15.46 -6.44 11.91
CA TYR A 561 -16.20 -5.26 11.51
C TYR A 561 -17.27 -4.98 12.55
N ALA A 562 -17.26 -3.79 13.15
CA ALA A 562 -18.31 -3.35 14.05
C ALA A 562 -19.25 -2.42 13.32
N THR A 563 -20.48 -2.93 13.03
CA THR A 563 -21.48 -2.12 12.37
C THR A 563 -22.33 -1.49 13.45
N ILE A 564 -22.25 -0.16 13.50
CA ILE A 564 -23.12 0.58 14.41
C ILE A 564 -24.51 0.67 13.76
N ASN A 565 -25.55 0.25 14.50
CA ASN A 565 -26.83 -0.04 13.86
C ASN A 565 -27.54 1.23 13.37
N THR A 566 -27.38 2.34 14.08
CA THR A 566 -28.21 3.50 13.81
C THR A 566 -27.76 4.27 12.57
N ALA A 567 -28.67 4.45 11.61
CA ALA A 567 -28.41 5.26 10.43
C ALA A 567 -28.59 6.75 10.72
N PHE A 568 -27.73 7.56 10.14
CA PHE A 568 -27.66 8.97 10.45
C PHE A 568 -27.43 9.74 9.17
N THR A 569 -27.63 11.05 9.24
CA THR A 569 -27.31 11.94 8.13
C THR A 569 -26.24 12.91 8.62
N PHE A 570 -25.50 13.48 7.67
CA PHE A 570 -24.60 14.56 7.96
C PHE A 570 -25.39 15.87 7.86
N PRO A 571 -25.23 16.81 8.83
CA PRO A 571 -25.94 18.09 8.76
C PRO A 571 -25.29 19.12 7.82
N MET A 572 -24.03 18.91 7.42
CA MET A 572 -23.33 19.82 6.53
C MET A 572 -22.42 19.03 5.58
N SER A 573 -22.13 19.62 4.42
CA SER A 573 -21.36 18.93 3.39
C SER A 573 -19.91 18.77 3.84
N GLN A 574 -19.44 19.57 4.82
CA GLN A 574 -18.20 19.29 5.51
C GLN A 574 -18.50 19.07 6.98
N SER A 575 -18.22 17.85 7.50
CA SER A 575 -18.57 17.48 8.87
C SER A 575 -17.38 16.84 9.59
N SER A 576 -17.29 17.02 10.90
CA SER A 576 -16.36 16.21 11.70
C SER A 576 -16.99 14.84 11.93
N PHE A 577 -16.12 13.85 12.17
CA PHE A 577 -16.47 12.47 12.43
C PHE A 577 -15.42 11.88 13.39
N THR A 578 -15.86 11.51 14.59
CA THR A 578 -15.01 10.96 15.63
C THR A 578 -15.30 9.46 15.78
N VAL A 579 -14.24 8.68 15.95
CA VAL A 579 -14.36 7.28 16.28
C VAL A 579 -13.79 7.09 17.67
N GLY A 580 -14.53 6.39 18.52
CA GLY A 580 -14.01 6.07 19.85
C GLY A 580 -14.43 4.69 20.30
N ALA A 581 -13.84 4.28 21.43
CA ALA A 581 -14.14 3.01 22.07
C ALA A 581 -13.95 3.15 23.59
N ASP A 582 -14.87 2.52 24.32
CA ASP A 582 -15.19 2.77 25.72
C ASP A 582 -15.51 1.47 26.44
N THR A 583 -15.75 1.61 27.75
CA THR A 583 -16.40 0.60 28.57
C THR A 583 -15.52 -0.65 28.54
N PHE A 584 -14.24 -0.48 28.88
CA PHE A 584 -13.36 -1.60 29.14
C PHE A 584 -12.26 -1.21 30.12
N SER A 585 -11.58 -2.23 30.66
CA SER A 585 -10.49 -2.05 31.59
C SER A 585 -9.21 -1.59 30.92
N SER A 586 -8.54 -0.58 31.53
CA SER A 586 -7.26 -0.10 31.02
C SER A 586 -6.27 -1.25 30.99
N GLY A 587 -5.34 -1.17 30.04
CA GLY A 587 -4.32 -2.19 29.89
C GLY A 587 -4.75 -3.28 28.90
N ASN A 588 -6.00 -3.27 28.44
CA ASN A 588 -6.37 -3.94 27.22
C ASN A 588 -5.76 -3.18 26.04
N GLU A 589 -5.85 -3.75 24.83
CA GLU A 589 -5.40 -3.07 23.63
C GLU A 589 -6.54 -3.08 22.61
N VAL A 590 -6.81 -1.90 22.02
CA VAL A 590 -7.85 -1.77 21.00
C VAL A 590 -7.19 -1.09 19.81
N TYR A 591 -7.36 -1.69 18.62
CA TYR A 591 -6.77 -1.20 17.39
C TYR A 591 -7.86 -0.91 16.38
N ILE A 592 -7.76 0.26 15.75
CA ILE A 592 -8.68 0.57 14.69
C ILE A 592 -7.90 0.84 13.42
N ASP A 593 -8.32 0.16 12.35
CA ASP A 593 -7.71 0.28 11.05
C ASP A 593 -8.41 1.39 10.27
N ARG A 594 -9.72 1.24 10.07
CA ARG A 594 -10.47 2.17 9.25
C ARG A 594 -11.92 2.23 9.70
N PHE A 595 -12.57 3.32 9.31
CA PHE A 595 -14.02 3.43 9.36
C PHE A 595 -14.54 3.37 7.93
N GLU A 596 -15.78 2.89 7.82
CA GLU A 596 -16.49 2.83 6.56
C GLU A 596 -17.88 3.46 6.71
N LEU A 597 -18.27 4.21 5.67
CA LEU A 597 -19.61 4.75 5.57
C LEU A 597 -20.35 3.96 4.50
N ILE A 598 -21.45 3.34 4.93
CA ILE A 598 -22.30 2.52 4.09
C ILE A 598 -23.57 3.32 3.82
N PRO A 599 -23.94 3.57 2.55
CA PRO A 599 -25.18 4.27 2.26
C PRO A 599 -26.34 3.32 2.54
N VAL A 600 -27.36 3.80 3.24
CA VAL A 600 -28.55 2.98 3.43
C VAL A 600 -29.68 3.47 2.52
N THR A 601 -30.21 2.55 1.72
CA THR A 601 -31.06 2.89 0.59
C THR A 601 -32.42 2.18 0.73
#